data_7FMY
#
_entry.id   7FMY
#
_cell.length_a   89.167
_cell.length_b   81.789
_cell.length_c   93.252
_cell.angle_alpha   90
_cell.angle_beta   108.29
_cell.angle_gamma   90
#
_symmetry.space_group_name_H-M   'C 1 2 1'
#
loop_
_entity.id
_entity.type
_entity.pdbx_description
1 polymer 'Pre-mRNA-splicing factor 8'
2 polymer 'A1 cistron-splicing factor AAR2'
3 non-polymer 1-phenylpiperazine
4 water water
#
loop_
_entity_poly.entity_id
_entity_poly.type
_entity_poly.pdbx_seq_one_letter_code
_entity_poly.pdbx_strand_id
1 'polypeptide(L)'
;GAMNSSNYAELFNNDIKLFVDDTNVYRVTVHKTFEGNVATKAINGCIFTLNPKTGHLFLKIIHTSVWAGQKRLSQLAKWK
TAEEVSALVRSLPKEEQPKQIIVTRKAMLDPLEVHMLDFPNIAIRPTELRLPFSAAMSIDKLSDVVMKATEPQMVLFNIY
DDWLDRISSYTAFSRLTLLLRALKTNEESAKMILLSDPTITIKSYHLWPSFTDEQWITIESQMRDLILTEYGRKYNVNIS
ALTQTEIKDIILGQNIKA
;
A
2 'polypeptide(L)'
;GAMAMNTVPFTSAPIEVTIGIDQYSFNVKENQPFHGIKDIPIGHVHVIHFQHADNSSMRYGYWFDCRMGNFYIQYDPKDG
LYKMMEERDGAKFENIVHNFKERQMMVSYPKIDEDDTWYNLTEFVQMDKIRKIVRKDENQFSYVDSSMTTVQENELSSSS
SDPAHSLNYTVINFKSREAIRPGHEMEDFLDKSYYLNTVMLQGIFKNSSNYFGELQFAFLNAMFFGNYGSSLQWHAMIEL
ICSSATVPKHMLDKLDEILYYQIKTLPEQYSDILLNERVWNICLYSSFQKNSLHNTEKIMENKYPELL
;
B
#
loop_
_chem_comp.id
_chem_comp.type
_chem_comp.name
_chem_comp.formula
VU9 non-polymer 1-phenylpiperazine 'C10 H14 N2'
#
# COMPACT_ATOMS: atom_id res chain seq x y z
N GLY A 1 9.10 -13.74 -1.50
CA GLY A 1 8.08 -13.50 -2.51
C GLY A 1 7.09 -14.64 -2.66
N ALA A 2 6.57 -14.84 -3.88
CA ALA A 2 5.54 -15.85 -4.10
C ALA A 2 6.16 -17.24 -4.12
N MET A 3 5.35 -18.20 -3.67
CA MET A 3 5.71 -19.62 -3.61
C MET A 3 5.26 -20.29 -4.91
N ASN A 4 6.16 -21.02 -5.56
CA ASN A 4 5.83 -21.59 -6.87
C ASN A 4 6.66 -22.85 -7.09
N SER A 5 6.60 -23.38 -8.31
CA SER A 5 7.30 -24.61 -8.64
C SER A 5 8.79 -24.49 -8.36
N SER A 6 9.37 -23.32 -8.60
CA SER A 6 10.81 -23.15 -8.50
C SER A 6 11.33 -23.22 -7.07
N ASN A 7 10.48 -23.02 -6.06
CA ASN A 7 10.95 -23.04 -4.67
C ASN A 7 10.07 -23.95 -3.83
N TYR A 8 9.77 -25.12 -4.39
CA TYR A 8 8.78 -26.03 -3.81
C TYR A 8 9.33 -26.79 -2.60
N ALA A 9 10.62 -27.13 -2.62
CA ALA A 9 11.27 -27.87 -1.53
C ALA A 9 11.54 -27.01 -0.30
N GLU A 10 11.39 -25.68 -0.38
CA GLU A 10 11.43 -24.86 0.82
C GLU A 10 10.40 -25.32 1.85
N LEU A 11 9.28 -25.83 1.39
CA LEU A 11 8.22 -26.29 2.28
C LEU A 11 8.70 -27.34 3.25
N PHE A 12 9.72 -28.10 2.89
CA PHE A 12 10.12 -29.24 3.72
C PHE A 12 11.45 -29.01 4.41
N ASN A 13 11.91 -27.77 4.46
CA ASN A 13 13.13 -27.48 5.19
C ASN A 13 12.76 -27.29 6.66
N ASN A 14 13.71 -26.85 7.47
CA ASN A 14 13.47 -26.86 8.91
C ASN A 14 13.08 -25.49 9.49
N ASP A 15 12.66 -24.56 8.63
CA ASP A 15 12.05 -23.31 9.02
C ASP A 15 10.55 -23.53 9.18
N ILE A 16 10.05 -23.33 10.39
CA ILE A 16 8.62 -23.53 10.62
C ILE A 16 7.79 -22.65 9.71
N LYS A 17 6.87 -23.25 8.97
CA LYS A 17 5.91 -22.50 8.18
C LYS A 17 4.52 -23.12 8.24
N LEU A 18 3.52 -22.27 7.92
CA LEU A 18 2.13 -22.70 7.85
C LEU A 18 1.51 -22.22 6.56
N PHE A 19 0.78 -23.12 5.91
CA PHE A 19 -0.18 -22.75 4.90
C PHE A 19 -1.47 -22.34 5.61
N VAL A 20 -2.08 -21.25 5.16
CA VAL A 20 -3.45 -20.87 5.57
C VAL A 20 -4.38 -20.88 4.36
N ASP A 21 -5.41 -21.70 4.41
CA ASP A 21 -6.49 -21.67 3.42
C ASP A 21 -7.81 -21.22 4.04
N ASP A 22 -8.43 -20.18 3.45
CA ASP A 22 -9.68 -19.62 3.95
C ASP A 22 -10.91 -20.00 3.12
N THR A 23 -10.77 -20.91 2.15
N THR A 23 -10.77 -20.96 2.17
CA THR A 23 -11.89 -21.15 1.24
CA THR A 23 -11.84 -21.22 1.20
C THR A 23 -13.13 -21.57 2.01
C THR A 23 -13.07 -21.88 1.83
N ASN A 24 -12.97 -22.38 3.06
CA ASN A 24 -14.10 -23.00 3.74
C ASN A 24 -14.53 -22.24 5.00
N VAL A 25 -14.10 -21.00 5.16
CA VAL A 25 -14.44 -20.22 6.35
C VAL A 25 -15.90 -19.79 6.32
N TYR A 26 -16.35 -19.15 5.21
CA TYR A 26 -17.70 -18.65 5.03
C TYR A 26 -18.38 -19.54 3.98
N ARG A 27 -19.35 -20.34 4.43
CA ARG A 27 -20.03 -21.32 3.61
C ARG A 27 -21.54 -21.10 3.69
N VAL A 28 -22.22 -21.18 2.54
CA VAL A 28 -23.65 -20.93 2.48
C VAL A 28 -24.34 -21.95 1.57
N THR A 29 -25.60 -22.17 1.86
CA THR A 29 -26.54 -22.75 0.92
C THR A 29 -27.40 -21.59 0.41
N VAL A 30 -27.72 -21.61 -0.87
CA VAL A 30 -28.61 -20.61 -1.48
C VAL A 30 -29.97 -21.26 -1.71
N HIS A 31 -31.04 -20.54 -1.38
CA HIS A 31 -32.40 -21.09 -1.50
C HIS A 31 -33.41 -20.01 -1.83
N LYS A 32 -34.60 -20.45 -2.27
CA LYS A 32 -35.72 -19.54 -2.51
C LYS A 32 -36.51 -19.26 -1.24
N THR A 33 -36.91 -18.01 -1.07
CA THR A 33 -37.82 -17.59 0.00
C THR A 33 -39.28 -17.79 -0.42
N PHE A 34 -40.17 -17.77 0.58
CA PHE A 34 -41.57 -18.01 0.30
C PHE A 34 -42.06 -17.07 -0.79
N GLU A 35 -41.61 -15.81 -0.75
CA GLU A 35 -41.96 -14.81 -1.74
C GLU A 35 -41.28 -15.04 -3.09
N GLY A 36 -40.47 -16.09 -3.20
CA GLY A 36 -39.74 -16.35 -4.44
C GLY A 36 -38.50 -15.52 -4.63
N ASN A 37 -37.99 -14.89 -3.58
CA ASN A 37 -36.68 -14.27 -3.65
C ASN A 37 -35.63 -15.31 -3.28
N VAL A 38 -34.36 -14.93 -3.37
CA VAL A 38 -33.26 -15.80 -3.02
C VAL A 38 -32.62 -15.29 -1.73
N ALA A 39 -32.19 -16.22 -0.89
CA ALA A 39 -31.57 -15.91 0.39
C ALA A 39 -30.45 -16.93 0.62
N THR A 40 -29.51 -16.57 1.47
CA THR A 40 -28.49 -17.53 1.86
C THR A 40 -28.74 -17.94 3.31
N LYS A 41 -28.29 -19.15 3.64
CA LYS A 41 -28.21 -19.59 5.03
C LYS A 41 -26.78 -20.09 5.25
N ALA A 42 -26.07 -19.47 6.19
CA ALA A 42 -24.73 -19.92 6.48
C ALA A 42 -24.73 -21.30 7.12
N ILE A 43 -23.67 -22.06 6.86
CA ILE A 43 -23.39 -23.29 7.60
C ILE A 43 -22.01 -23.19 8.19
N ASN A 44 -21.71 -24.07 9.13
CA ASN A 44 -20.42 -23.99 9.80
C ASN A 44 -19.28 -24.08 8.81
N GLY A 45 -18.24 -23.31 9.08
CA GLY A 45 -17.00 -23.35 8.33
C GLY A 45 -15.74 -23.73 9.10
N CYS A 46 -14.59 -23.60 8.43
CA CYS A 46 -13.31 -23.90 9.07
C CYS A 46 -12.20 -23.14 8.38
N ILE A 47 -11.20 -22.73 9.18
CA ILE A 47 -9.90 -22.32 8.68
C ILE A 47 -9.01 -23.55 8.59
N PHE A 48 -8.34 -23.72 7.46
CA PHE A 48 -7.41 -24.83 7.24
C PHE A 48 -6.00 -24.27 7.36
N THR A 49 -5.36 -24.51 8.50
CA THR A 49 -3.98 -24.07 8.75
C THR A 49 -3.09 -25.30 8.95
N LEU A 50 -2.11 -25.45 8.08
CA LEU A 50 -1.36 -26.70 7.96
C LEU A 50 0.14 -26.48 7.95
N ASN A 51 0.86 -27.22 8.82
CA ASN A 51 2.32 -27.26 8.73
C ASN A 51 2.67 -28.36 7.74
N PRO A 52 3.26 -28.04 6.59
CA PRO A 52 3.48 -29.06 5.56
C PRO A 52 4.58 -30.05 5.88
N LYS A 53 5.49 -29.71 6.78
CA LYS A 53 6.61 -30.57 7.14
C LYS A 53 6.16 -31.65 8.13
N THR A 54 5.32 -31.29 9.08
CA THR A 54 4.93 -32.17 10.17
C THR A 54 3.57 -32.81 9.99
N GLY A 55 2.72 -32.24 9.13
CA GLY A 55 1.38 -32.69 8.94
C GLY A 55 0.39 -32.13 9.95
N HIS A 56 0.85 -31.27 10.84
CA HIS A 56 0.01 -30.63 11.88
C HIS A 56 -1.08 -29.81 11.21
N LEU A 57 -2.35 -30.06 11.52
CA LEU A 57 -3.48 -29.28 11.00
C LEU A 57 -4.19 -28.65 12.20
N PHE A 58 -4.09 -27.32 12.37
CA PHE A 58 -4.83 -26.53 13.39
C PHE A 58 -6.15 -26.18 12.70
N LEU A 59 -7.26 -26.92 12.92
CA LEU A 59 -8.54 -26.76 12.26
C LEU A 59 -9.42 -25.90 13.15
N LYS A 60 -9.51 -24.63 12.82
CA LYS A 60 -10.36 -23.72 13.56
C LYS A 60 -11.78 -23.73 13.00
N ILE A 61 -12.71 -24.17 13.82
CA ILE A 61 -14.09 -24.28 13.36
C ILE A 61 -14.79 -22.94 13.51
N ILE A 62 -15.39 -22.49 12.40
CA ILE A 62 -16.10 -21.22 12.33
C ILE A 62 -17.59 -21.54 12.44
N HIS A 63 -18.12 -21.28 13.60
CA HIS A 63 -19.53 -21.49 13.86
C HIS A 63 -20.37 -20.35 13.28
N THR A 64 -21.53 -20.68 12.71
CA THR A 64 -22.38 -19.65 12.07
C THR A 64 -22.72 -18.45 12.93
N SER A 65 -22.66 -18.56 14.27
CA SER A 65 -23.00 -17.45 15.14
C SER A 65 -22.08 -16.25 14.92
N VAL A 66 -20.85 -16.49 14.46
N VAL A 66 -20.84 -16.50 14.52
CA VAL A 66 -19.87 -15.42 14.21
CA VAL A 66 -19.87 -15.47 14.16
C VAL A 66 -20.33 -14.46 13.10
C VAL A 66 -20.52 -14.43 13.26
N TRP A 67 -21.23 -14.89 12.24
CA TRP A 67 -21.78 -14.01 11.20
C TRP A 67 -23.01 -13.23 11.63
N ALA A 68 -23.60 -13.52 12.80
CA ALA A 68 -24.90 -12.96 13.12
C ALA A 68 -24.84 -11.43 13.18
N GLY A 69 -25.70 -10.78 12.41
CA GLY A 69 -25.79 -9.33 12.44
C GLY A 69 -24.65 -8.60 11.77
N GLN A 70 -23.81 -9.32 11.05
CA GLN A 70 -22.67 -8.76 10.35
C GLN A 70 -23.03 -8.53 8.89
N LYS A 71 -22.36 -7.55 8.27
CA LYS A 71 -22.52 -7.23 6.87
C LYS A 71 -21.24 -7.58 6.11
N ARG A 72 -21.39 -7.72 4.80
CA ARG A 72 -20.27 -7.96 3.87
C ARG A 72 -19.47 -9.17 4.32
N LEU A 73 -20.16 -10.31 4.41
CA LEU A 73 -19.58 -11.44 5.12
C LEU A 73 -18.38 -12.03 4.38
N SER A 74 -18.36 -12.06 3.05
CA SER A 74 -17.15 -12.55 2.37
C SER A 74 -15.92 -11.68 2.68
N GLN A 75 -16.10 -10.37 2.88
CA GLN A 75 -14.94 -9.56 3.28
C GLN A 75 -14.61 -9.81 4.75
N LEU A 76 -15.63 -9.93 5.58
CA LEU A 76 -15.38 -10.17 6.99
C LEU A 76 -14.66 -11.48 7.20
N ALA A 77 -15.01 -12.51 6.41
CA ALA A 77 -14.39 -13.84 6.52
C ALA A 77 -12.86 -13.79 6.39
N LYS A 78 -12.34 -12.95 5.51
CA LYS A 78 -10.90 -12.85 5.39
C LYS A 78 -10.29 -12.26 6.66
N TRP A 79 -10.91 -11.23 7.25
CA TRP A 79 -10.38 -10.63 8.49
C TRP A 79 -10.58 -11.54 9.71
N LYS A 80 -11.70 -12.25 9.77
CA LYS A 80 -11.89 -13.26 10.81
C LYS A 80 -10.82 -14.35 10.70
N THR A 81 -10.51 -14.80 9.47
CA THR A 81 -9.41 -15.75 9.27
C THR A 81 -8.12 -15.19 9.84
N ALA A 82 -7.78 -13.97 9.42
CA ALA A 82 -6.58 -13.31 9.89
C ALA A 82 -6.54 -13.21 11.40
N GLU A 83 -7.64 -12.78 12.05
CA GLU A 83 -7.68 -12.64 13.50
C GLU A 83 -7.40 -14.00 14.18
N GLU A 84 -8.03 -15.06 13.69
CA GLU A 84 -7.81 -16.40 14.25
C GLU A 84 -6.39 -16.94 14.03
N VAL A 85 -5.80 -16.74 12.85
CA VAL A 85 -4.39 -17.13 12.63
C VAL A 85 -3.48 -16.38 13.58
N SER A 86 -3.66 -15.06 13.71
N SER A 86 -3.68 -15.06 13.70
CA SER A 86 -2.80 -14.31 14.61
CA SER A 86 -2.88 -14.24 14.61
C SER A 86 -3.02 -14.69 16.08
C SER A 86 -3.02 -14.74 16.04
N ALA A 87 -4.25 -15.02 16.46
CA ALA A 87 -4.49 -15.58 17.81
C ALA A 87 -3.74 -16.90 18.01
N LEU A 88 -3.76 -17.77 17.00
CA LEU A 88 -3.03 -19.03 17.08
C LEU A 88 -1.56 -18.81 17.29
N VAL A 89 -0.95 -17.94 16.45
CA VAL A 89 0.46 -17.68 16.57
C VAL A 89 0.78 -17.18 17.97
N ARG A 90 -0.01 -16.21 18.45
CA ARG A 90 0.23 -15.65 19.79
C ARG A 90 0.14 -16.73 20.88
N SER A 91 -0.69 -17.75 20.66
CA SER A 91 -0.84 -18.84 21.63
C SER A 91 0.32 -19.84 21.60
N LEU A 92 1.15 -19.84 20.57
CA LEU A 92 2.24 -20.82 20.51
C LEU A 92 3.45 -20.26 21.24
N PRO A 93 4.27 -21.15 21.85
CA PRO A 93 5.56 -20.71 22.36
C PRO A 93 6.39 -20.14 21.22
N LYS A 94 7.30 -19.22 21.58
CA LYS A 94 8.12 -18.53 20.59
C LYS A 94 8.84 -19.49 19.65
N GLU A 95 9.44 -20.55 20.19
CA GLU A 95 10.13 -21.50 19.34
C GLU A 95 9.19 -22.35 18.48
N GLU A 96 7.86 -22.31 18.69
CA GLU A 96 6.92 -22.98 17.78
C GLU A 96 6.28 -22.03 16.78
N GLN A 97 6.47 -20.74 16.93
CA GLN A 97 5.81 -19.83 16.01
C GLN A 97 6.43 -19.94 14.61
N PRO A 98 5.62 -19.74 13.57
CA PRO A 98 6.14 -19.89 12.20
C PRO A 98 7.08 -18.76 11.87
N LYS A 99 7.99 -19.03 10.94
N LYS A 99 8.00 -19.03 10.95
CA LYS A 99 8.80 -17.97 10.35
CA LYS A 99 8.81 -17.99 10.34
C LYS A 99 8.17 -17.40 9.08
C LYS A 99 8.13 -17.38 9.13
N GLN A 100 7.35 -18.20 8.41
CA GLN A 100 6.58 -17.78 7.25
C GLN A 100 5.16 -18.32 7.39
N ILE A 101 4.20 -17.54 6.88
CA ILE A 101 2.84 -18.01 6.66
C ILE A 101 2.51 -17.81 5.18
N ILE A 102 2.10 -18.87 4.53
CA ILE A 102 1.72 -18.86 3.11
C ILE A 102 0.21 -18.96 2.94
N VAL A 103 -0.39 -17.93 2.34
CA VAL A 103 -1.83 -17.91 2.15
C VAL A 103 -2.13 -18.47 0.77
N THR A 104 -3.15 -19.30 0.68
CA THR A 104 -3.47 -19.87 -0.62
C THR A 104 -4.24 -18.93 -1.54
N ARG A 105 -4.80 -17.83 -1.03
CA ARG A 105 -5.48 -16.82 -1.86
C ARG A 105 -4.95 -15.42 -1.55
N LYS A 106 -4.66 -14.63 -2.60
CA LYS A 106 -3.94 -13.37 -2.42
C LYS A 106 -4.75 -12.35 -1.62
N ALA A 107 -6.06 -12.48 -1.64
CA ALA A 107 -6.89 -11.56 -0.87
C ALA A 107 -6.69 -11.70 0.63
N MET A 108 -6.02 -12.76 1.09
CA MET A 108 -5.69 -12.86 2.50
C MET A 108 -4.43 -12.11 2.89
N LEU A 109 -3.64 -11.59 1.93
CA LEU A 109 -2.35 -11.02 2.30
C LEU A 109 -2.53 -9.79 3.20
N ASP A 110 -3.34 -8.82 2.76
CA ASP A 110 -3.45 -7.59 3.55
C ASP A 110 -4.11 -7.87 4.91
N PRO A 111 -5.22 -8.60 4.98
CA PRO A 111 -5.79 -8.92 6.30
C PRO A 111 -4.78 -9.58 7.23
N LEU A 112 -4.02 -10.56 6.72
CA LEU A 112 -3.07 -11.23 7.60
C LEU A 112 -1.91 -10.30 7.95
N GLU A 113 -1.37 -9.57 6.96
CA GLU A 113 -0.30 -8.64 7.26
C GLU A 113 -0.69 -7.68 8.40
N VAL A 114 -1.90 -7.12 8.33
CA VAL A 114 -2.35 -6.15 9.31
C VAL A 114 -2.52 -6.82 10.67
N HIS A 115 -3.10 -8.00 10.70
CA HIS A 115 -3.24 -8.66 12.00
C HIS A 115 -1.90 -9.10 12.60
N MET A 116 -0.85 -9.20 11.80
CA MET A 116 0.43 -9.70 12.28
C MET A 116 1.47 -8.59 12.38
N LEU A 117 1.04 -7.33 12.55
CA LEU A 117 2.03 -6.25 12.59
C LEU A 117 2.93 -6.37 13.81
N ASP A 118 2.40 -6.93 14.90
CA ASP A 118 3.19 -7.27 16.08
C ASP A 118 4.31 -8.27 15.82
N PHE A 119 4.30 -8.95 14.66
CA PHE A 119 5.28 -9.97 14.32
C PHE A 119 6.00 -9.61 13.03
N PRO A 120 6.80 -8.53 13.04
CA PRO A 120 7.47 -8.09 11.80
C PRO A 120 8.39 -9.11 11.16
N ASN A 121 8.88 -10.08 11.94
CA ASN A 121 9.81 -11.07 11.44
C ASN A 121 9.14 -12.35 10.94
N ILE A 122 7.81 -12.36 10.82
CA ILE A 122 7.08 -13.46 10.19
C ILE A 122 6.69 -13.02 8.79
N ALA A 123 7.22 -13.71 7.79
CA ALA A 123 6.93 -13.41 6.39
C ALA A 123 5.56 -13.92 6.00
N ILE A 124 4.71 -13.03 5.45
CA ILE A 124 3.41 -13.39 4.90
C ILE A 124 3.57 -13.48 3.38
N ARG A 125 3.31 -14.66 2.82
CA ARG A 125 3.63 -14.92 1.41
C ARG A 125 2.43 -15.48 0.66
N PRO A 126 2.22 -15.06 -0.59
CA PRO A 126 1.29 -15.75 -1.47
C PRO A 126 1.94 -16.96 -2.15
N THR A 127 1.14 -17.64 -2.99
CA THR A 127 1.65 -18.74 -3.78
C THR A 127 1.00 -18.77 -5.16
N GLU A 128 1.79 -19.25 -6.14
N GLU A 128 1.78 -19.25 -6.15
CA GLU A 128 1.35 -19.50 -7.51
CA GLU A 128 1.27 -19.49 -7.49
C GLU A 128 0.80 -20.92 -7.69
C GLU A 128 0.74 -20.91 -7.67
N LEU A 129 0.85 -21.76 -6.66
CA LEU A 129 0.24 -23.08 -6.74
C LEU A 129 -1.27 -23.00 -6.56
N ARG A 130 -1.97 -23.86 -7.30
CA ARG A 130 -3.43 -23.99 -7.25
C ARG A 130 -3.79 -25.17 -6.34
N LEU A 131 -3.39 -25.04 -5.08
CA LEU A 131 -3.45 -26.16 -4.14
C LEU A 131 -4.89 -26.56 -3.80
N PRO A 132 -5.15 -27.86 -3.61
CA PRO A 132 -6.55 -28.31 -3.53
C PRO A 132 -7.12 -28.35 -2.11
N PHE A 133 -6.72 -27.42 -1.24
CA PHE A 133 -7.11 -27.52 0.16
C PHE A 133 -8.60 -27.26 0.37
N SER A 134 -9.31 -26.68 -0.60
CA SER A 134 -10.75 -26.55 -0.45
C SER A 134 -11.41 -27.90 -0.27
N ALA A 135 -10.78 -28.95 -0.81
CA ALA A 135 -11.38 -30.28 -0.70
C ALA A 135 -11.24 -30.89 0.69
N ALA A 136 -10.68 -30.17 1.65
CA ALA A 136 -10.57 -30.70 3.00
C ALA A 136 -11.91 -31.11 3.59
N MET A 137 -13.00 -30.41 3.22
CA MET A 137 -14.30 -30.77 3.72
C MET A 137 -14.84 -32.04 3.06
N SER A 138 -14.11 -32.63 2.12
CA SER A 138 -14.45 -33.95 1.59
C SER A 138 -13.82 -35.07 2.39
N ILE A 139 -13.02 -34.75 3.41
CA ILE A 139 -12.52 -35.74 4.35
C ILE A 139 -13.59 -35.91 5.41
N ASP A 140 -14.13 -37.11 5.50
CA ASP A 140 -15.32 -37.36 6.31
C ASP A 140 -15.17 -36.86 7.75
N LYS A 141 -14.09 -37.26 8.43
CA LYS A 141 -13.99 -36.90 9.84
C LYS A 141 -13.83 -35.38 10.04
N LEU A 142 -13.24 -34.69 9.08
CA LEU A 142 -13.13 -33.24 9.21
C LEU A 142 -14.48 -32.59 8.97
N SER A 143 -15.16 -32.99 7.91
CA SER A 143 -16.52 -32.51 7.71
C SER A 143 -17.41 -32.75 8.94
N ASP A 144 -17.26 -33.92 9.56
CA ASP A 144 -18.09 -34.30 10.70
C ASP A 144 -17.89 -33.36 11.89
N VAL A 145 -16.64 -33.02 12.21
CA VAL A 145 -16.44 -32.18 13.39
C VAL A 145 -16.93 -30.77 13.12
N VAL A 146 -16.72 -30.27 11.90
CA VAL A 146 -17.22 -28.93 11.55
C VAL A 146 -18.75 -28.87 11.68
N MET A 147 -19.43 -29.84 11.09
N MET A 147 -19.44 -29.84 11.09
N MET A 147 -19.46 -29.84 11.10
CA MET A 147 -20.89 -29.84 11.00
CA MET A 147 -20.91 -29.76 11.04
CA MET A 147 -20.91 -29.74 11.05
C MET A 147 -21.54 -30.00 12.38
C MET A 147 -21.54 -29.96 12.42
C MET A 147 -21.55 -29.96 12.42
N LYS A 148 -20.90 -30.73 13.29
CA LYS A 148 -21.43 -30.97 14.63
C LYS A 148 -21.16 -29.84 15.63
N ALA A 149 -20.27 -28.90 15.32
CA ALA A 149 -19.85 -27.92 16.32
C ALA A 149 -21.01 -27.00 16.64
N THR A 150 -21.22 -26.76 17.94
CA THR A 150 -22.25 -25.85 18.42
C THR A 150 -21.68 -24.54 18.94
N GLU A 151 -20.37 -24.40 18.90
CA GLU A 151 -19.67 -23.21 19.37
C GLU A 151 -18.35 -23.13 18.63
N PRO A 152 -17.68 -21.98 18.63
CA PRO A 152 -16.31 -21.96 18.12
C PRO A 152 -15.41 -22.99 18.83
N GLN A 153 -14.50 -23.58 18.07
CA GLN A 153 -13.69 -24.70 18.53
C GLN A 153 -12.47 -24.84 17.64
N MET A 154 -11.33 -25.13 18.26
CA MET A 154 -10.08 -25.49 17.57
C MET A 154 -9.87 -26.98 17.80
N VAL A 155 -9.71 -27.72 16.72
CA VAL A 155 -9.41 -29.16 16.74
C VAL A 155 -8.11 -29.45 16.01
N LEU A 156 -7.24 -30.26 16.65
CA LEU A 156 -5.84 -30.54 16.28
C LEU A 156 -5.75 -31.95 15.67
N PHE A 157 -5.46 -32.07 14.35
CA PHE A 157 -5.37 -33.32 13.58
C PHE A 157 -3.99 -33.45 12.94
N ASN A 158 -3.53 -34.67 12.66
CA ASN A 158 -2.35 -34.86 11.79
C ASN A 158 -2.98 -35.25 10.45
N ILE A 159 -2.80 -34.47 9.38
CA ILE A 159 -3.41 -34.84 8.10
C ILE A 159 -2.65 -35.93 7.35
N TYR A 160 -1.46 -36.31 7.82
CA TYR A 160 -0.66 -37.37 7.24
C TYR A 160 -0.82 -38.69 8.00
N ASP A 161 -1.75 -38.74 8.94
CA ASP A 161 -1.84 -39.92 9.82
C ASP A 161 -0.44 -40.30 10.30
N ASP A 162 -0.01 -41.55 10.13
CA ASP A 162 1.30 -42.00 10.57
C ASP A 162 2.30 -42.09 9.42
N TRP A 163 2.00 -41.44 8.29
CA TRP A 163 2.80 -41.66 7.11
C TRP A 163 4.27 -41.32 7.32
N LEU A 164 4.56 -40.29 8.11
CA LEU A 164 5.94 -39.86 8.21
C LEU A 164 6.85 -40.93 8.82
N ASP A 165 6.29 -41.95 9.48
CA ASP A 165 7.08 -43.08 9.97
C ASP A 165 7.74 -43.85 8.83
N ARG A 166 7.20 -43.74 7.63
CA ARG A 166 7.66 -44.52 6.49
C ARG A 166 8.12 -43.70 5.31
N ILE A 167 7.62 -42.45 5.16
CA ILE A 167 7.96 -41.64 4.01
C ILE A 167 8.35 -40.23 4.46
N SER A 168 8.93 -39.49 3.52
CA SER A 168 9.38 -38.14 3.83
C SER A 168 8.22 -37.15 3.73
N SER A 169 8.43 -35.99 4.33
N SER A 169 8.44 -35.96 4.30
CA SER A 169 7.44 -34.91 4.23
CA SER A 169 7.39 -34.94 4.23
C SER A 169 7.13 -34.62 2.77
C SER A 169 7.15 -34.48 2.81
N TYR A 170 8.17 -34.52 1.94
CA TYR A 170 7.91 -34.21 0.54
C TYR A 170 6.97 -35.24 -0.05
N THR A 171 7.22 -36.52 0.23
CA THR A 171 6.34 -37.55 -0.33
C THR A 171 4.96 -37.50 0.31
N ALA A 172 4.90 -37.19 1.60
CA ALA A 172 3.62 -37.11 2.31
C ALA A 172 2.77 -35.95 1.79
N PHE A 173 3.38 -34.80 1.57
CA PHE A 173 2.64 -33.70 0.97
C PHE A 173 2.16 -34.04 -0.44
N SER A 174 2.98 -34.71 -1.25
CA SER A 174 2.59 -35.06 -2.61
C SER A 174 1.40 -36.01 -2.60
N ARG A 175 1.42 -37.00 -1.71
CA ARG A 175 0.26 -37.88 -1.55
C ARG A 175 -0.98 -37.09 -1.14
N LEU A 176 -0.84 -36.21 -0.15
CA LEU A 176 -1.99 -35.45 0.32
C LEU A 176 -2.58 -34.61 -0.79
N THR A 177 -1.73 -33.89 -1.54
CA THR A 177 -2.26 -33.04 -2.58
C THR A 177 -2.90 -33.88 -3.69
N LEU A 178 -2.35 -35.05 -3.99
CA LEU A 178 -2.97 -35.92 -4.98
C LEU A 178 -4.35 -36.39 -4.52
N LEU A 179 -4.47 -36.82 -3.27
CA LEU A 179 -5.76 -37.25 -2.75
C LEU A 179 -6.79 -36.11 -2.80
N LEU A 180 -6.37 -34.91 -2.40
CA LEU A 180 -7.28 -33.78 -2.36
C LEU A 180 -7.64 -33.30 -3.76
N ARG A 181 -6.67 -33.23 -4.67
CA ARG A 181 -7.01 -32.95 -6.07
C ARG A 181 -8.03 -33.95 -6.61
N ALA A 182 -7.87 -35.25 -6.34
CA ALA A 182 -8.85 -36.23 -6.77
C ALA A 182 -10.22 -35.94 -6.17
N LEU A 183 -10.27 -35.76 -4.85
CA LEU A 183 -11.53 -35.45 -4.21
C LEU A 183 -12.15 -34.17 -4.78
N LYS A 184 -11.34 -33.22 -5.23
CA LYS A 184 -11.94 -31.98 -5.74
C LYS A 184 -12.50 -32.16 -7.15
N THR A 185 -11.88 -33.03 -7.96
N THR A 185 -11.89 -33.05 -7.94
CA THR A 185 -12.32 -33.19 -9.34
CA THR A 185 -12.28 -33.22 -9.33
C THR A 185 -13.51 -34.13 -9.47
C THR A 185 -13.48 -34.13 -9.48
N ASN A 186 -13.59 -35.15 -8.62
CA ASN A 186 -14.72 -36.08 -8.65
C ASN A 186 -14.76 -36.76 -7.27
N GLU A 187 -15.54 -36.18 -6.37
CA GLU A 187 -15.58 -36.67 -5.00
C GLU A 187 -16.06 -38.11 -4.93
N GLU A 188 -17.13 -38.45 -5.65
CA GLU A 188 -17.70 -39.78 -5.50
C GLU A 188 -16.69 -40.85 -5.95
N SER A 189 -16.14 -40.69 -7.14
CA SER A 189 -15.13 -41.63 -7.61
C SER A 189 -13.95 -41.72 -6.66
N ALA A 190 -13.39 -40.57 -6.28
CA ALA A 190 -12.28 -40.58 -5.33
C ALA A 190 -12.62 -41.42 -4.10
N LYS A 191 -13.77 -41.15 -3.49
CA LYS A 191 -14.12 -41.86 -2.27
C LYS A 191 -14.35 -43.35 -2.55
N MET A 192 -14.93 -43.67 -3.70
CA MET A 192 -15.06 -45.08 -4.07
CA MET A 192 -15.06 -45.09 -4.08
C MET A 192 -13.70 -45.76 -4.09
N ILE A 193 -12.70 -45.10 -4.70
CA ILE A 193 -11.35 -45.64 -4.75
C ILE A 193 -10.82 -45.93 -3.34
N LEU A 194 -11.02 -44.98 -2.43
CA LEU A 194 -10.37 -45.07 -1.13
C LEU A 194 -10.96 -46.15 -0.24
N LEU A 195 -12.19 -46.57 -0.50
CA LEU A 195 -12.93 -47.41 0.43
C LEU A 195 -13.41 -48.73 -0.15
N SER A 196 -13.30 -48.92 -1.47
CA SER A 196 -13.92 -50.06 -2.12
C SER A 196 -13.61 -51.39 -1.44
N ASP A 197 -12.48 -51.49 -0.73
CA ASP A 197 -12.03 -52.76 -0.15
C ASP A 197 -12.35 -52.77 1.34
N PRO A 198 -13.41 -53.48 1.77
CA PRO A 198 -13.80 -53.43 3.18
C PRO A 198 -12.68 -53.75 4.16
N THR A 199 -11.71 -54.58 3.75
CA THR A 199 -10.70 -55.05 4.70
C THR A 199 -9.75 -53.97 5.15
N ILE A 200 -9.65 -52.85 4.42
CA ILE A 200 -8.73 -51.78 4.78
C ILE A 200 -9.54 -50.76 5.56
N THR A 201 -9.25 -50.62 6.84
CA THR A 201 -10.02 -49.74 7.69
C THR A 201 -9.27 -48.44 7.94
N ILE A 202 -10.00 -47.48 8.52
CA ILE A 202 -9.45 -46.22 9.01
C ILE A 202 -9.34 -46.29 10.52
N LYS A 203 -8.13 -46.15 11.04
CA LYS A 203 -7.98 -46.19 12.50
C LYS A 203 -8.81 -45.07 13.14
N SER A 204 -9.22 -45.31 14.39
CA SER A 204 -10.07 -44.33 15.05
C SER A 204 -9.39 -42.96 15.11
N TYR A 205 -8.05 -42.92 15.23
CA TYR A 205 -7.31 -41.67 15.35
C TYR A 205 -6.69 -41.23 14.02
N HIS A 206 -7.19 -41.71 12.90
CA HIS A 206 -6.65 -41.37 11.58
C HIS A 206 -7.77 -40.80 10.73
N LEU A 207 -7.35 -40.20 9.63
CA LEU A 207 -8.28 -39.64 8.66
C LEU A 207 -8.43 -40.52 7.45
N TRP A 208 -7.36 -41.22 7.04
CA TRP A 208 -7.29 -42.03 5.86
C TRP A 208 -7.13 -43.51 6.22
N PRO A 209 -7.46 -44.39 5.30
CA PRO A 209 -7.28 -45.84 5.54
C PRO A 209 -5.83 -46.28 5.73
N SER A 210 -5.70 -47.44 6.39
CA SER A 210 -4.39 -48.01 6.74
C SER A 210 -3.84 -48.87 5.60
N PHE A 211 -3.46 -48.21 4.51
CA PHE A 211 -2.89 -48.90 3.38
C PHE A 211 -1.44 -49.28 3.66
N THR A 212 -1.05 -50.49 3.20
CA THR A 212 0.35 -50.84 3.07
C THR A 212 1.01 -49.99 1.97
N ASP A 213 2.35 -50.03 1.96
CA ASP A 213 3.10 -49.32 0.92
C ASP A 213 2.63 -49.73 -0.47
N GLU A 214 2.42 -51.02 -0.68
CA GLU A 214 2.03 -51.49 -2.00
C GLU A 214 0.63 -51.02 -2.34
N GLN A 215 -0.26 -51.06 -1.36
CA GLN A 215 -1.61 -50.59 -1.56
C GLN A 215 -1.62 -49.08 -1.82
N TRP A 216 -0.68 -48.32 -1.25
CA TRP A 216 -0.69 -46.88 -1.51
C TRP A 216 -0.29 -46.59 -2.95
N ILE A 217 0.64 -47.37 -3.51
CA ILE A 217 1.02 -47.17 -4.91
C ILE A 217 -0.16 -47.46 -5.82
N THR A 218 -0.90 -48.54 -5.54
CA THR A 218 -2.12 -48.80 -6.30
C THR A 218 -3.08 -47.62 -6.21
N ILE A 219 -3.41 -47.23 -4.98
CA ILE A 219 -4.32 -46.10 -4.74
C ILE A 219 -3.81 -44.86 -5.47
N GLU A 220 -2.54 -44.51 -5.27
CA GLU A 220 -2.03 -43.31 -5.90
C GLU A 220 -2.18 -43.39 -7.42
N SER A 221 -1.94 -44.57 -8.00
N SER A 221 -1.91 -44.56 -8.00
CA SER A 221 -2.13 -44.76 -9.42
CA SER A 221 -2.14 -44.75 -9.43
C SER A 221 -3.59 -44.57 -9.83
C SER A 221 -3.59 -44.51 -9.80
N GLN A 222 -4.52 -45.06 -9.02
CA GLN A 222 -5.94 -44.93 -9.37
C GLN A 222 -6.38 -43.48 -9.30
N MET A 223 -5.83 -42.72 -8.36
CA MET A 223 -6.16 -41.29 -8.24
C MET A 223 -5.65 -40.48 -9.44
N ARG A 224 -4.44 -40.78 -9.89
N ARG A 224 -4.46 -40.80 -9.93
CA ARG A 224 -3.95 -40.15 -11.12
CA ARG A 224 -3.96 -40.12 -11.12
C ARG A 224 -4.86 -40.45 -12.30
C ARG A 224 -4.79 -40.46 -12.35
N ASP A 225 -5.18 -41.73 -12.51
CA ASP A 225 -6.11 -42.10 -13.58
CA ASP A 225 -6.12 -42.10 -13.57
C ASP A 225 -7.37 -41.22 -13.53
N LEU A 226 -8.02 -41.18 -12.36
CA LEU A 226 -9.21 -40.35 -12.15
C LEU A 226 -8.99 -38.93 -12.64
N ILE A 227 -7.91 -38.31 -12.19
CA ILE A 227 -7.68 -36.90 -12.48
C ILE A 227 -7.46 -36.68 -13.98
N LEU A 228 -6.70 -37.58 -14.62
CA LEU A 228 -6.53 -37.52 -16.08
C LEU A 228 -7.85 -37.77 -16.80
N THR A 229 -8.56 -38.82 -16.42
CA THR A 229 -9.90 -39.10 -16.94
C THR A 229 -10.80 -37.88 -16.83
N GLU A 230 -11.22 -37.52 -15.62
CA GLU A 230 -12.13 -36.38 -15.41
C GLU A 230 -11.68 -35.19 -16.23
N TYR A 231 -10.37 -35.08 -16.45
CA TYR A 231 -9.87 -34.07 -17.36
C TYR A 231 -10.29 -34.40 -18.80
N GLY A 232 -10.42 -35.69 -19.11
CA GLY A 232 -11.04 -36.15 -20.34
C GLY A 232 -12.51 -35.81 -20.41
N ARG A 233 -13.32 -36.40 -19.54
CA ARG A 233 -14.76 -36.13 -19.54
C ARG A 233 -15.04 -34.63 -19.55
N LYS A 234 -14.12 -33.82 -19.04
CA LYS A 234 -14.35 -32.38 -18.94
C LYS A 234 -13.98 -31.66 -20.23
N TYR A 235 -12.85 -31.99 -20.84
CA TYR A 235 -12.41 -31.34 -22.07
C TYR A 235 -12.63 -32.19 -23.32
N ASN A 236 -13.16 -33.41 -23.18
CA ASN A 236 -13.34 -34.30 -24.31
C ASN A 236 -12.03 -34.53 -25.04
N VAL A 237 -11.17 -35.38 -24.49
CA VAL A 237 -9.89 -35.74 -25.09
C VAL A 237 -9.68 -37.25 -24.99
N MET B 5 6.25 45.08 -3.13
CA MET B 5 6.89 44.06 -4.03
C MET B 5 8.41 43.92 -3.77
N ASN B 6 8.91 42.68 -3.77
CA ASN B 6 10.30 42.43 -3.42
C ASN B 6 11.11 41.94 -4.62
N THR B 7 12.42 41.80 -4.39
CA THR B 7 13.41 41.62 -5.45
C THR B 7 14.42 40.56 -5.02
N VAL B 8 14.77 39.70 -5.97
CA VAL B 8 15.86 38.75 -5.80
C VAL B 8 16.89 39.06 -6.89
N PRO B 9 17.89 39.86 -6.59
CA PRO B 9 18.93 40.16 -7.59
C PRO B 9 19.89 39.00 -7.76
N PHE B 10 20.50 38.97 -8.95
CA PHE B 10 21.51 38.01 -9.34
C PHE B 10 22.82 38.74 -9.57
N THR B 11 23.90 38.20 -9.03
CA THR B 11 25.22 38.78 -9.30
C THR B 11 25.54 38.76 -10.78
N SER B 12 25.20 37.68 -11.46
CA SER B 12 25.49 37.47 -12.87
C SER B 12 24.88 36.13 -13.26
N ALA B 13 24.83 35.88 -14.57
CA ALA B 13 24.41 34.60 -15.11
C ALA B 13 25.52 34.00 -15.94
N PRO B 14 26.53 33.38 -15.31
CA PRO B 14 27.66 32.84 -16.10
C PRO B 14 27.34 31.62 -16.94
N ILE B 15 26.31 30.84 -16.61
CA ILE B 15 26.01 29.65 -17.40
C ILE B 15 24.56 29.66 -17.85
N GLU B 16 24.37 29.15 -19.05
CA GLU B 16 23.07 29.06 -19.65
C GLU B 16 22.17 28.18 -18.79
N VAL B 17 21.01 28.72 -18.46
CA VAL B 17 20.12 28.12 -17.47
C VAL B 17 18.72 28.56 -17.80
N THR B 18 17.76 27.64 -17.62
CA THR B 18 16.36 27.99 -17.49
C THR B 18 16.03 28.29 -16.01
N ILE B 19 15.50 29.49 -15.77
CA ILE B 19 15.18 29.95 -14.43
C ILE B 19 13.66 29.92 -14.27
N GLY B 20 13.21 29.34 -13.18
CA GLY B 20 11.81 29.33 -12.82
C GLY B 20 11.58 30.20 -11.59
N ILE B 21 10.46 30.91 -11.60
CA ILE B 21 9.99 31.61 -10.43
C ILE B 21 8.52 31.22 -10.29
N ASP B 22 8.22 30.55 -9.19
CA ASP B 22 6.87 30.02 -9.01
C ASP B 22 6.55 29.26 -10.30
N GLN B 23 5.40 29.49 -10.90
CA GLN B 23 5.00 28.74 -12.08
C GLN B 23 5.48 29.39 -13.37
N TYR B 24 6.33 30.39 -13.29
CA TYR B 24 6.85 31.05 -14.47
C TYR B 24 8.28 30.58 -14.72
N SER B 25 8.72 30.71 -15.96
CA SER B 25 10.07 30.30 -16.30
C SER B 25 10.52 31.03 -17.55
N PHE B 26 11.83 31.27 -17.60
CA PHE B 26 12.44 31.98 -18.72
C PHE B 26 13.85 31.48 -18.94
N ASN B 27 14.34 31.64 -20.18
CA ASN B 27 15.65 31.18 -20.58
C ASN B 27 16.66 32.31 -20.44
N VAL B 28 17.81 32.02 -19.84
CA VAL B 28 18.92 32.96 -19.76
C VAL B 28 20.14 32.37 -20.46
N LYS B 29 20.72 33.13 -21.40
CA LYS B 29 21.87 32.63 -22.14
C LYS B 29 23.17 32.83 -21.35
N GLU B 30 24.18 32.02 -21.67
CA GLU B 30 25.47 32.11 -21.01
C GLU B 30 26.04 33.52 -21.09
N ASN B 31 26.30 34.13 -19.92
CA ASN B 31 26.82 35.50 -19.78
C ASN B 31 25.86 36.57 -20.33
N GLN B 32 24.56 36.31 -20.28
CA GLN B 32 23.59 37.35 -20.62
C GLN B 32 23.44 38.32 -19.44
N PRO B 33 23.21 39.61 -19.72
CA PRO B 33 23.19 40.61 -18.63
C PRO B 33 21.95 40.57 -17.75
N PHE B 34 21.71 39.41 -17.15
CA PHE B 34 20.57 39.20 -16.27
C PHE B 34 20.95 39.47 -14.83
N HIS B 35 20.19 40.32 -14.14
CA HIS B 35 20.50 40.59 -12.74
C HIS B 35 19.32 40.41 -11.81
N GLY B 36 18.36 39.57 -12.19
CA GLY B 36 17.46 39.06 -11.19
C GLY B 36 16.00 39.32 -11.51
N ILE B 37 15.19 39.20 -10.47
CA ILE B 37 13.74 39.16 -10.60
C ILE B 37 13.14 40.17 -9.65
N LYS B 38 12.25 41.02 -10.16
CA LYS B 38 11.65 42.08 -9.37
C LYS B 38 10.12 41.91 -9.35
N ASP B 39 9.47 42.75 -8.53
CA ASP B 39 8.01 42.81 -8.37
C ASP B 39 7.45 41.47 -7.85
N ILE B 40 8.20 40.80 -7.00
CA ILE B 40 7.73 39.52 -6.45
C ILE B 40 6.68 39.80 -5.37
N PRO B 41 5.49 39.21 -5.46
CA PRO B 41 4.42 39.53 -4.52
C PRO B 41 4.80 39.15 -3.10
N ILE B 42 4.71 40.11 -2.21
CA ILE B 42 4.88 39.85 -0.81
C ILE B 42 3.64 39.12 -0.29
N GLY B 43 3.87 38.26 0.68
CA GLY B 43 2.76 37.64 1.40
C GLY B 43 2.64 36.16 1.14
N HIS B 44 3.42 35.64 0.19
CA HIS B 44 3.36 34.25 -0.20
C HIS B 44 4.77 33.70 -0.07
N VAL B 45 4.86 32.38 0.02
N VAL B 45 4.88 32.38 0.10
CA VAL B 45 6.13 31.69 -0.14
CA VAL B 45 6.17 31.76 -0.13
C VAL B 45 6.39 31.45 -1.62
C VAL B 45 6.42 31.81 -1.63
N HIS B 46 7.64 31.57 -2.01
CA HIS B 46 8.03 31.49 -3.41
C HIS B 46 9.10 30.40 -3.59
N VAL B 47 9.29 30.01 -4.85
CA VAL B 47 10.38 29.11 -5.17
C VAL B 47 11.04 29.61 -6.46
N ILE B 48 12.36 29.70 -6.42
N ILE B 48 12.36 29.76 -6.40
CA ILE B 48 13.15 29.99 -7.60
CA ILE B 48 13.19 30.00 -7.58
C ILE B 48 14.03 28.79 -7.89
C ILE B 48 13.98 28.72 -7.86
N HIS B 49 13.93 28.28 -9.11
CA HIS B 49 14.50 26.99 -9.47
C HIS B 49 15.24 27.10 -10.80
N PHE B 50 16.05 26.07 -11.06
CA PHE B 50 17.06 26.15 -12.08
C PHE B 50 17.17 24.81 -12.78
N GLN B 51 17.40 24.87 -14.09
CA GLN B 51 17.82 23.72 -14.88
C GLN B 51 18.87 24.20 -15.88
N HIS B 52 20.08 23.71 -15.71
CA HIS B 52 21.18 24.10 -16.60
C HIS B 52 20.92 23.63 -18.01
N ALA B 53 21.32 24.46 -18.98
CA ALA B 53 21.20 24.05 -20.38
C ALA B 53 22.02 22.80 -20.62
N ASP B 54 23.22 22.74 -20.04
CA ASP B 54 24.16 21.68 -20.36
C ASP B 54 23.77 20.35 -19.73
N ASN B 55 23.10 20.38 -18.57
CA ASN B 55 22.75 19.15 -17.86
C ASN B 55 21.34 19.31 -17.31
N SER B 56 20.36 18.86 -18.10
CA SER B 56 18.98 18.83 -17.63
C SER B 56 18.83 17.93 -16.40
N SER B 57 19.84 17.14 -16.07
CA SER B 57 19.80 16.41 -14.81
C SER B 57 19.94 17.37 -13.65
N MET B 58 19.28 17.04 -12.54
N MET B 58 19.24 17.04 -12.57
CA MET B 58 19.26 17.92 -11.38
CA MET B 58 19.18 17.85 -11.37
C MET B 58 18.55 19.24 -11.71
C MET B 58 18.54 19.21 -11.66
N ARG B 59 17.23 19.26 -11.57
CA ARG B 59 16.54 20.51 -11.29
C ARG B 59 16.79 20.80 -9.81
N TYR B 60 16.89 22.07 -9.46
CA TYR B 60 17.14 22.41 -8.07
C TYR B 60 16.65 23.83 -7.86
N GLY B 61 16.58 24.22 -6.61
CA GLY B 61 15.96 25.52 -6.30
C GLY B 61 15.81 25.81 -4.83
N TYR B 62 15.23 26.98 -4.55
CA TYR B 62 15.19 27.55 -3.21
C TYR B 62 13.79 28.03 -2.91
N TRP B 63 13.22 27.56 -1.78
CA TRP B 63 12.00 28.09 -1.22
C TRP B 63 12.34 29.25 -0.31
N PHE B 64 11.62 30.37 -0.47
CA PHE B 64 11.96 31.53 0.33
C PHE B 64 10.70 32.42 0.55
N ASP B 65 10.82 33.29 1.54
CA ASP B 65 9.83 34.31 1.85
C ASP B 65 10.58 35.61 2.05
N CYS B 66 10.32 36.58 1.17
CA CYS B 66 11.02 37.87 1.18
C CYS B 66 10.81 38.67 2.47
N ARG B 67 9.79 38.36 3.24
CA ARG B 67 9.66 39.06 4.51
C ARG B 67 10.74 38.64 5.49
N MET B 68 11.39 37.50 5.27
N MET B 68 11.39 37.49 5.27
CA MET B 68 12.36 36.95 6.22
CA MET B 68 12.36 36.93 6.20
C MET B 68 13.81 37.35 5.90
C MET B 68 13.80 37.37 5.92
N GLY B 69 14.03 38.23 4.95
CA GLY B 69 15.37 38.75 4.71
C GLY B 69 15.54 39.18 3.29
N ASN B 70 16.70 39.78 3.02
CA ASN B 70 17.11 40.15 1.68
C ASN B 70 17.97 39.04 1.08
N PHE B 71 17.49 38.45 -0.01
CA PHE B 71 18.12 37.29 -0.60
C PHE B 71 18.55 37.62 -2.03
N TYR B 72 19.65 37.03 -2.44
CA TYR B 72 20.18 37.12 -3.79
C TYR B 72 20.73 35.79 -4.25
N ILE B 73 20.93 35.66 -5.57
CA ILE B 73 21.52 34.49 -6.22
C ILE B 73 22.90 34.84 -6.78
N GLN B 74 23.83 33.92 -6.62
CA GLN B 74 25.17 34.10 -7.14
C GLN B 74 25.67 32.74 -7.57
N TYR B 75 26.10 32.62 -8.83
CA TYR B 75 26.71 31.38 -9.28
C TYR B 75 27.99 31.08 -8.51
N ASP B 76 28.16 29.81 -8.13
CA ASP B 76 29.39 29.31 -7.55
C ASP B 76 30.14 28.40 -8.55
N PRO B 77 31.26 28.83 -9.13
CA PRO B 77 31.91 27.98 -10.16
C PRO B 77 32.62 26.76 -9.60
N LYS B 78 32.74 26.66 -8.26
CA LYS B 78 33.37 25.48 -7.69
C LYS B 78 32.34 24.37 -7.54
N ASP B 79 31.23 24.69 -6.87
CA ASP B 79 30.12 23.76 -6.72
C ASP B 79 29.22 23.71 -7.94
N GLY B 80 29.35 24.66 -8.86
CA GLY B 80 28.63 24.55 -10.12
C GLY B 80 27.12 24.73 -10.03
N LEU B 81 26.66 25.62 -9.18
CA LEU B 81 25.24 25.92 -9.20
C LEU B 81 24.99 27.35 -8.75
N TYR B 82 23.80 27.81 -9.13
CA TYR B 82 23.29 29.08 -8.65
C TYR B 82 22.89 28.93 -7.18
N LYS B 83 23.56 29.67 -6.30
CA LYS B 83 23.28 29.56 -4.87
C LYS B 83 22.47 30.75 -4.35
N MET B 84 21.51 30.48 -3.49
CA MET B 84 20.83 31.57 -2.79
C MET B 84 21.68 31.95 -1.59
N MET B 85 21.75 33.24 -1.32
CA MET B 85 22.46 33.78 -0.16
C MET B 85 21.67 34.93 0.45
N GLU B 86 21.95 35.23 1.72
CA GLU B 86 21.34 36.36 2.41
C GLU B 86 22.34 37.50 2.51
N GLU B 87 21.91 38.69 2.17
CA GLU B 87 22.67 39.91 2.42
C GLU B 87 22.16 40.54 3.71
N ARG B 88 23.03 40.65 4.72
CA ARG B 88 22.61 41.23 5.99
C ARG B 88 22.73 42.77 6.00
N ASP B 89 23.59 43.35 5.19
CA ASP B 89 23.74 44.80 5.07
C ASP B 89 22.61 45.34 4.20
N GLY B 90 21.58 45.89 4.84
CA GLY B 90 20.38 46.28 4.11
C GLY B 90 20.59 47.50 3.22
N ALA B 91 21.46 48.42 3.62
CA ALA B 91 21.75 49.57 2.77
C ALA B 91 22.50 49.13 1.52
N LYS B 92 23.42 48.19 1.68
CA LYS B 92 24.12 47.66 0.51
C LYS B 92 23.14 47.02 -0.47
N PHE B 93 22.14 46.32 0.05
CA PHE B 93 21.21 45.58 -0.79
C PHE B 93 20.27 46.50 -1.55
N GLU B 94 19.68 47.47 -0.85
CA GLU B 94 18.82 48.44 -1.53
C GLU B 94 19.58 49.14 -2.65
N ASN B 95 20.83 49.50 -2.39
CA ASN B 95 21.64 50.21 -3.38
C ASN B 95 21.91 49.33 -4.58
N ILE B 96 22.29 48.09 -4.33
CA ILE B 96 22.50 47.14 -5.43
C ILE B 96 21.21 47.01 -6.24
N VAL B 97 20.09 46.79 -5.57
CA VAL B 97 18.84 46.56 -6.29
C VAL B 97 18.46 47.81 -7.08
N HIS B 98 18.51 48.97 -6.42
CA HIS B 98 18.12 50.21 -7.11
C HIS B 98 18.96 50.42 -8.37
N ASN B 99 20.27 50.17 -8.30
CA ASN B 99 21.11 50.29 -9.50
C ASN B 99 20.62 49.35 -10.60
N PHE B 100 20.30 48.09 -10.26
CA PHE B 100 19.93 47.11 -11.28
C PHE B 100 18.58 47.45 -11.92
N LYS B 101 17.65 47.96 -11.12
CA LYS B 101 16.37 48.41 -11.67
C LYS B 101 16.56 49.62 -12.60
N GLU B 102 17.41 50.56 -12.22
CA GLU B 102 17.61 51.74 -13.05
C GLU B 102 18.16 51.34 -14.42
N ARG B 103 19.08 50.40 -14.45
CA ARG B 103 19.57 49.88 -15.73
C ARG B 103 18.65 48.82 -16.34
N GLN B 104 17.47 48.59 -15.74
CA GLN B 104 16.46 47.64 -16.24
C GLN B 104 17.06 46.27 -16.58
N MET B 105 17.91 45.77 -15.71
CA MET B 105 18.45 44.44 -15.94
C MET B 105 17.74 43.38 -15.11
N MET B 106 16.44 43.56 -14.81
CA MET B 106 15.69 42.54 -14.06
C MET B 106 14.41 42.17 -14.79
N VAL B 107 14.03 40.91 -14.74
CA VAL B 107 12.74 40.47 -15.24
C VAL B 107 11.71 40.78 -14.16
N SER B 108 10.48 41.11 -14.59
CA SER B 108 9.38 41.36 -13.66
C SER B 108 8.57 40.10 -13.43
N TYR B 109 8.31 39.79 -12.16
CA TYR B 109 7.41 38.67 -11.84
C TYR B 109 6.07 38.93 -12.55
N PRO B 110 5.64 38.09 -13.47
CA PRO B 110 4.62 38.52 -14.41
C PRO B 110 3.26 38.04 -14.01
N LYS B 111 2.76 38.50 -12.87
CA LYS B 111 1.49 38.06 -12.37
C LYS B 111 0.38 38.84 -13.07
N ILE B 112 -0.54 38.10 -13.70
CA ILE B 112 -1.77 38.64 -14.23
C ILE B 112 -2.71 38.98 -13.08
N ASP B 113 -3.38 40.13 -13.18
CA ASP B 113 -4.14 40.65 -12.05
C ASP B 113 -5.32 39.73 -11.72
N GLU B 114 -5.94 39.13 -12.73
CA GLU B 114 -7.03 38.18 -12.51
C GLU B 114 -6.56 36.90 -11.81
N ASP B 115 -5.27 36.65 -11.73
CA ASP B 115 -4.73 35.32 -11.52
C ASP B 115 -4.45 35.05 -10.04
N ASP B 116 -5.14 34.05 -9.48
CA ASP B 116 -4.90 33.57 -8.12
C ASP B 116 -4.22 32.19 -8.10
N THR B 117 -3.61 31.76 -9.21
CA THR B 117 -3.02 30.42 -9.25
C THR B 117 -2.03 30.19 -8.12
N TRP B 118 -1.09 31.12 -7.93
CA TRP B 118 -0.02 30.84 -6.96
C TRP B 118 -0.58 30.80 -5.55
N TYR B 119 -1.39 31.80 -5.19
CA TYR B 119 -2.12 31.78 -3.91
C TYR B 119 -2.81 30.44 -3.70
N ASN B 120 -3.52 29.95 -4.72
CA ASN B 120 -4.32 28.74 -4.53
C ASN B 120 -3.42 27.50 -4.39
N LEU B 121 -2.21 27.54 -4.88
CA LEU B 121 -1.27 26.43 -4.77
C LEU B 121 -0.52 26.43 -3.44
N THR B 122 -0.41 27.60 -2.82
CA THR B 122 0.43 27.81 -1.64
C THR B 122 -0.36 28.32 -0.45
N GLU B 123 -1.69 28.23 -0.50
CA GLU B 123 -2.58 28.77 0.50
C GLU B 123 -2.13 28.43 1.91
N PHE B 124 -1.86 27.15 2.19
CA PHE B 124 -1.48 26.73 3.53
C PHE B 124 0.02 26.48 3.73
N VAL B 125 0.86 26.86 2.79
CA VAL B 125 2.30 26.60 2.87
C VAL B 125 2.96 27.75 3.62
N GLN B 126 3.71 27.41 4.67
N GLN B 126 3.65 27.40 4.70
CA GLN B 126 4.32 28.38 5.58
CA GLN B 126 4.34 28.34 5.57
C GLN B 126 5.81 28.12 5.69
C GLN B 126 5.83 28.08 5.47
N MET B 127 6.61 29.15 5.44
CA MET B 127 8.07 29.00 5.42
C MET B 127 8.59 28.32 6.67
N ASP B 128 7.93 28.54 7.82
CA ASP B 128 8.41 27.92 9.05
C ASP B 128 8.23 26.41 9.01
N LYS B 129 7.17 25.92 8.35
CA LYS B 129 7.02 24.46 8.24
C LYS B 129 7.93 23.87 7.18
N ILE B 130 8.14 24.59 6.06
CA ILE B 130 9.12 24.16 5.07
C ILE B 130 10.46 23.88 5.74
N ARG B 131 10.90 24.79 6.62
CA ARG B 131 12.23 24.67 7.22
C ARG B 131 12.34 23.49 8.16
N LYS B 132 11.20 23.00 8.69
CA LYS B 132 11.22 21.75 9.47
C LYS B 132 11.26 20.52 8.58
N ILE B 133 10.70 20.60 7.39
CA ILE B 133 10.83 19.50 6.45
C ILE B 133 12.24 19.47 5.85
N VAL B 134 12.79 20.64 5.52
CA VAL B 134 14.11 20.78 4.91
C VAL B 134 15.02 21.38 5.97
N ARG B 135 15.83 20.54 6.61
CA ARG B 135 16.61 20.95 7.77
C ARG B 135 17.93 21.55 7.31
N LYS B 136 18.06 22.86 7.47
CA LYS B 136 19.34 23.55 7.27
C LYS B 136 19.28 24.88 7.98
N ASP B 137 19.33 24.83 9.31
CA ASP B 137 18.81 25.92 10.13
C ASP B 137 19.56 27.22 9.95
N GLU B 138 20.81 27.17 9.49
CA GLU B 138 21.57 28.41 9.37
C GLU B 138 21.05 29.33 8.28
N ASN B 139 20.27 28.83 7.34
CA ASN B 139 19.69 29.67 6.30
C ASN B 139 18.20 29.83 6.50
N GLN B 140 17.68 30.98 6.06
CA GLN B 140 16.28 31.33 6.11
C GLN B 140 15.49 30.80 4.93
N PHE B 141 16.21 30.31 3.92
CA PHE B 141 15.64 29.75 2.70
C PHE B 141 15.99 28.26 2.67
N SER B 142 15.29 27.51 1.83
CA SER B 142 15.45 26.05 1.82
C SER B 142 15.69 25.55 0.41
N TYR B 143 16.78 24.78 0.27
CA TYR B 143 17.20 24.14 -0.96
C TYR B 143 16.51 22.80 -1.14
N VAL B 144 15.95 22.59 -2.32
CA VAL B 144 15.44 21.28 -2.74
C VAL B 144 15.97 20.93 -4.13
N ASP B 145 16.17 19.61 -4.40
CA ASP B 145 16.44 19.19 -5.77
C ASP B 145 15.76 17.85 -6.13
N SER B 146 15.97 17.44 -7.38
CA SER B 146 15.31 16.26 -7.92
C SER B 146 15.63 15.00 -7.11
N SER B 147 16.85 14.89 -6.60
CA SER B 147 17.37 13.62 -6.12
C SER B 147 17.19 13.43 -4.62
N MET B 148 16.79 14.47 -3.89
CA MET B 148 16.66 14.33 -2.43
C MET B 148 15.61 13.27 -2.09
N THR B 149 15.95 12.40 -1.16
CA THR B 149 15.06 11.32 -0.76
C THR B 149 14.39 11.71 0.54
N THR B 150 13.28 11.05 0.81
CA THR B 150 12.49 11.36 2.00
C THR B 150 12.93 10.45 3.15
N VAL B 151 12.58 10.88 4.38
CA VAL B 151 12.85 10.10 5.57
C VAL B 151 12.31 8.68 5.42
N GLN B 152 11.09 8.56 4.89
CA GLN B 152 10.50 7.23 4.73
C GLN B 152 11.22 6.44 3.66
N GLU B 153 11.63 7.10 2.58
CA GLU B 153 12.43 6.42 1.56
C GLU B 153 13.70 5.84 2.17
N ASN B 154 14.38 6.60 3.02
CA ASN B 154 15.60 6.13 3.67
C ASN B 154 15.33 4.99 4.66
N GLU B 155 14.09 4.85 5.14
CA GLU B 155 13.73 3.70 5.96
C GLU B 155 13.54 2.44 5.13
N LEU B 156 13.33 2.57 3.83
CA LEU B 156 13.06 1.43 2.96
C LEU B 156 14.14 1.25 1.89
N SER B 161 20.56 8.13 1.62
CA SER B 161 20.92 7.57 2.92
C SER B 161 21.60 8.62 3.79
N ASP B 162 21.84 9.81 3.24
CA ASP B 162 22.43 10.91 4.01
C ASP B 162 21.32 11.67 4.74
N PRO B 163 21.28 11.65 6.08
CA PRO B 163 20.13 12.28 6.76
C PRO B 163 20.08 13.79 6.67
N ALA B 164 21.22 14.47 6.55
CA ALA B 164 21.23 15.93 6.54
C ALA B 164 20.56 16.51 5.30
N HIS B 165 20.47 15.73 4.24
CA HIS B 165 19.97 16.17 2.94
C HIS B 165 18.64 15.49 2.59
N SER B 166 17.88 15.09 3.60
CA SER B 166 16.61 14.41 3.39
C SER B 166 15.46 15.42 3.44
N LEU B 167 14.33 14.99 2.88
CA LEU B 167 13.06 15.68 3.07
C LEU B 167 12.28 15.02 4.20
N ASN B 168 12.12 15.72 5.32
N ASN B 168 12.09 15.76 5.30
CA ASN B 168 11.53 15.11 6.51
CA ASN B 168 11.49 15.26 6.53
C ASN B 168 10.01 15.31 6.55
C ASN B 168 9.97 15.40 6.51
N TYR B 169 9.35 14.71 5.57
CA TYR B 169 7.91 14.70 5.52
C TYR B 169 7.38 13.78 6.63
N THR B 170 6.12 13.98 6.98
CA THR B 170 5.45 13.17 7.98
C THR B 170 5.24 11.77 7.43
N VAL B 171 5.70 10.78 8.16
CA VAL B 171 5.60 9.40 7.66
C VAL B 171 4.16 8.92 7.77
N ILE B 172 3.63 8.43 6.67
CA ILE B 172 2.29 7.87 6.59
C ILE B 172 2.44 6.46 6.05
N ASN B 173 1.88 5.49 6.75
CA ASN B 173 2.04 4.10 6.31
C ASN B 173 0.82 3.34 6.79
N PHE B 174 0.00 2.86 5.85
CA PHE B 174 -1.34 2.36 6.18
C PHE B 174 -1.28 1.01 6.85
N LYS B 175 -0.14 0.36 6.76
CA LYS B 175 0.06 -0.95 7.41
C LYS B 175 1.18 -0.80 8.43
N SER B 176 0.87 -0.05 9.49
CA SER B 176 1.80 0.26 10.56
C SER B 176 1.02 0.25 11.87
N ARG B 177 1.72 -0.01 12.97
CA ARG B 177 1.02 0.02 14.23
C ARG B 177 0.46 1.41 14.50
N GLU B 178 1.06 2.45 13.94
CA GLU B 178 0.51 3.79 14.15
C GLU B 178 -0.88 3.91 13.53
N ALA B 179 -1.11 3.23 12.42
CA ALA B 179 -2.33 3.40 11.64
C ALA B 179 -3.46 2.52 12.14
N ILE B 180 -3.15 1.51 12.95
CA ILE B 180 -4.06 0.40 13.20
C ILE B 180 -4.12 0.17 14.70
N ARG B 181 -5.29 0.39 15.29
CA ARG B 181 -5.49 0.12 16.71
C ARG B 181 -5.59 -1.38 16.96
N PRO B 182 -4.85 -1.92 17.92
CA PRO B 182 -5.05 -3.31 18.31
C PRO B 182 -6.53 -3.55 18.59
N GLY B 183 -7.08 -4.58 17.97
CA GLY B 183 -8.49 -4.88 18.12
C GLY B 183 -9.41 -4.25 17.11
N HIS B 184 -8.92 -3.26 16.35
CA HIS B 184 -9.70 -2.61 15.31
C HIS B 184 -9.07 -2.79 13.94
N GLU B 185 -8.36 -3.90 13.71
CA GLU B 185 -7.57 -4.11 12.49
C GLU B 185 -8.39 -3.91 11.22
N MET B 186 -9.47 -4.68 11.06
CA MET B 186 -10.29 -4.51 9.87
C MET B 186 -10.92 -3.12 9.82
N GLU B 187 -11.46 -2.66 10.96
CA GLU B 187 -12.10 -1.36 10.99
C GLU B 187 -11.14 -0.26 10.58
N ASP B 188 -9.97 -0.20 11.24
CA ASP B 188 -9.06 0.91 10.97
C ASP B 188 -8.42 0.82 9.58
N PHE B 189 -8.30 -0.39 9.00
CA PHE B 189 -7.64 -0.52 7.71
C PHE B 189 -8.57 -0.17 6.58
N LEU B 190 -9.86 -0.48 6.74
CA LEU B 190 -10.86 -0.15 5.72
C LEU B 190 -11.43 1.25 5.87
N ASP B 191 -11.35 1.87 7.04
CA ASP B 191 -11.87 3.22 7.32
C ASP B 191 -10.78 3.92 8.12
N LYS B 192 -9.95 4.70 7.45
CA LYS B 192 -8.78 5.29 8.08
C LYS B 192 -9.10 6.53 8.91
N SER B 193 -10.36 6.75 9.34
CA SER B 193 -10.70 8.00 10.02
C SER B 193 -9.91 8.19 11.31
N TYR B 194 -9.66 7.12 12.08
N TYR B 194 -9.71 7.11 12.08
N TYR B 194 -9.69 7.12 12.07
CA TYR B 194 -8.94 7.32 13.33
CA TYR B 194 -8.93 7.20 13.31
CA TYR B 194 -8.94 7.26 13.32
C TYR B 194 -7.50 7.76 13.06
C TYR B 194 -7.54 7.76 13.02
C TYR B 194 -7.53 7.76 13.04
N TYR B 195 -6.86 7.15 12.05
CA TYR B 195 -5.53 7.56 11.67
C TYR B 195 -5.50 9.02 11.21
N LEU B 196 -6.45 9.41 10.35
CA LEU B 196 -6.49 10.80 9.88
C LEU B 196 -6.74 11.76 11.02
N ASN B 197 -7.85 11.57 11.75
CA ASN B 197 -8.35 12.59 12.66
C ASN B 197 -7.64 12.58 14.00
N THR B 198 -7.47 11.39 14.60
CA THR B 198 -6.84 11.31 15.92
C THR B 198 -5.31 11.34 15.82
N VAL B 199 -4.74 10.41 15.04
CA VAL B 199 -3.30 10.27 15.00
C VAL B 199 -2.67 11.46 14.30
N MET B 200 -3.12 11.76 13.09
CA MET B 200 -2.42 12.75 12.26
C MET B 200 -2.91 14.17 12.53
N LEU B 201 -4.21 14.42 12.39
CA LEU B 201 -4.70 15.80 12.57
C LEU B 201 -4.56 16.28 14.02
N GLN B 202 -5.14 15.54 14.97
N GLN B 202 -5.12 15.54 14.97
CA GLN B 202 -5.02 15.94 16.37
CA GLN B 202 -5.02 15.95 16.37
C GLN B 202 -3.61 15.71 16.90
C GLN B 202 -3.63 15.70 16.94
N GLY B 203 -3.06 14.52 16.61
CA GLY B 203 -1.74 14.17 17.18
C GLY B 203 -0.54 14.89 16.57
N ILE B 204 -0.37 14.86 15.27
CA ILE B 204 0.89 15.25 14.65
C ILE B 204 0.82 16.63 14.04
N PHE B 205 -0.17 16.86 13.16
CA PHE B 205 -0.25 18.13 12.46
C PHE B 205 -0.89 19.23 13.29
N LYS B 206 -1.82 18.87 14.20
CA LYS B 206 -2.52 19.78 15.11
C LYS B 206 -3.77 20.39 14.48
N ASN B 207 -3.71 20.72 13.19
CA ASN B 207 -4.87 21.27 12.51
C ASN B 207 -4.76 20.93 11.03
N SER B 208 -5.87 21.06 10.33
CA SER B 208 -5.87 20.71 8.92
C SER B 208 -5.07 21.68 8.07
N SER B 209 -4.86 22.91 8.54
CA SER B 209 -4.04 23.84 7.75
C SER B 209 -2.60 23.33 7.61
N ASN B 210 -2.01 22.83 8.69
CA ASN B 210 -0.67 22.29 8.62
C ASN B 210 -0.62 21.04 7.73
N TYR B 211 -1.63 20.18 7.83
CA TYR B 211 -1.75 19.05 6.92
C TYR B 211 -1.79 19.50 5.46
N PHE B 212 -2.71 20.41 5.13
CA PHE B 212 -2.82 20.82 3.75
C PHE B 212 -1.56 21.50 3.27
N GLY B 213 -0.85 22.18 4.18
CA GLY B 213 0.40 22.83 3.82
C GLY B 213 1.47 21.85 3.38
N GLU B 214 1.67 20.78 4.16
CA GLU B 214 2.59 19.72 3.75
C GLU B 214 2.16 19.09 2.43
N LEU B 215 0.88 18.82 2.26
CA LEU B 215 0.36 18.25 1.01
C LEU B 215 0.69 19.15 -0.19
N GLN B 216 0.43 20.46 -0.05
CA GLN B 216 0.69 21.39 -1.14
C GLN B 216 2.19 21.47 -1.44
N PHE B 217 3.03 21.46 -0.38
CA PHE B 217 4.47 21.55 -0.52
C PHE B 217 5.02 20.31 -1.21
N ALA B 218 4.50 19.12 -0.86
CA ALA B 218 4.88 17.89 -1.51
C ALA B 218 4.51 17.93 -3.00
N PHE B 219 3.30 18.38 -3.33
CA PHE B 219 2.94 18.48 -4.74
C PHE B 219 3.91 19.40 -5.48
N LEU B 220 4.25 20.52 -4.88
CA LEU B 220 5.04 21.47 -5.64
C LEU B 220 6.44 20.96 -5.88
N ASN B 221 7.03 20.27 -4.89
CA ASN B 221 8.35 19.68 -5.08
CA ASN B 221 8.35 19.67 -5.08
C ASN B 221 8.30 18.60 -6.16
N ALA B 222 7.23 17.78 -6.15
CA ALA B 222 7.03 16.78 -7.19
C ALA B 222 6.98 17.43 -8.58
N MET B 223 6.19 18.51 -8.72
CA MET B 223 6.01 19.15 -10.02
C MET B 223 7.26 19.91 -10.47
N PHE B 224 7.83 20.74 -9.60
CA PHE B 224 8.92 21.58 -10.06
C PHE B 224 10.24 20.84 -10.14
N PHE B 225 10.50 19.84 -9.28
CA PHE B 225 11.77 19.15 -9.29
C PHE B 225 11.66 17.69 -9.73
N GLY B 226 10.47 17.20 -10.00
CA GLY B 226 10.33 15.77 -10.30
C GLY B 226 10.87 14.97 -9.16
N ASN B 227 10.62 15.41 -7.94
CA ASN B 227 11.13 14.72 -6.76
C ASN B 227 10.19 13.57 -6.44
N TYR B 228 10.68 12.33 -6.62
CA TYR B 228 9.77 11.20 -6.63
C TYR B 228 9.16 10.95 -5.25
N GLY B 229 9.94 11.10 -4.18
CA GLY B 229 9.40 10.89 -2.83
C GLY B 229 8.37 11.94 -2.41
N SER B 230 8.52 13.15 -2.94
CA SER B 230 7.47 14.15 -2.77
C SER B 230 6.17 13.69 -3.41
N SER B 231 6.24 13.11 -4.61
CA SER B 231 5.04 12.66 -5.29
C SER B 231 4.37 11.55 -4.46
N LEU B 232 5.17 10.62 -3.95
CA LEU B 232 4.62 9.59 -3.06
C LEU B 232 3.87 10.22 -1.88
N GLN B 233 4.46 11.27 -1.27
CA GLN B 233 3.90 11.88 -0.08
C GLN B 233 2.59 12.59 -0.42
N TRP B 234 2.55 13.33 -1.54
CA TRP B 234 1.33 13.98 -1.99
C TRP B 234 0.21 12.95 -2.16
N HIS B 235 0.49 11.84 -2.86
CA HIS B 235 -0.56 10.84 -3.08
C HIS B 235 -0.98 10.19 -1.76
N ALA B 236 -0.03 9.94 -0.86
CA ALA B 236 -0.39 9.33 0.42
C ALA B 236 -1.33 10.22 1.22
N MET B 237 -1.07 11.53 1.23
CA MET B 237 -1.91 12.44 2.02
C MET B 237 -3.32 12.60 1.43
N ILE B 238 -3.43 12.47 0.10
CA ILE B 238 -4.73 12.47 -0.55
C ILE B 238 -5.46 11.19 -0.17
N GLU B 239 -4.78 10.07 -0.31
CA GLU B 239 -5.42 8.78 -0.08
C GLU B 239 -5.91 8.63 1.34
N LEU B 240 -5.14 9.13 2.33
CA LEU B 240 -5.59 9.03 3.71
C LEU B 240 -6.93 9.76 3.93
N ILE B 241 -7.12 10.95 3.34
CA ILE B 241 -8.39 11.62 3.44
C ILE B 241 -9.47 10.84 2.68
N CYS B 242 -9.19 10.42 1.46
CA CYS B 242 -10.25 9.81 0.67
C CYS B 242 -10.69 8.48 1.27
N SER B 243 -9.79 7.79 1.99
CA SER B 243 -10.05 6.49 2.59
C SER B 243 -10.57 6.60 4.02
N SER B 244 -10.95 7.80 4.45
CA SER B 244 -11.55 8.03 5.77
C SER B 244 -13.03 8.33 5.56
N ALA B 245 -13.89 7.53 6.24
CA ALA B 245 -15.33 7.74 6.15
C ALA B 245 -15.77 9.03 6.83
N THR B 246 -15.01 9.49 7.83
CA THR B 246 -15.40 10.64 8.66
C THR B 246 -14.32 11.69 8.52
N VAL B 247 -14.63 12.72 7.74
CA VAL B 247 -13.74 13.84 7.48
C VAL B 247 -14.54 15.11 7.70
N PRO B 248 -14.01 16.12 8.40
CA PRO B 248 -14.74 17.40 8.50
C PRO B 248 -15.14 17.95 7.14
N LYS B 249 -16.35 18.51 7.12
CA LYS B 249 -16.98 18.93 5.88
C LYS B 249 -16.17 20.02 5.22
N HIS B 250 -15.56 20.88 6.03
CA HIS B 250 -14.75 21.97 5.53
C HIS B 250 -13.43 21.48 4.95
N MET B 251 -12.90 20.39 5.50
CA MET B 251 -11.69 19.81 4.94
C MET B 251 -11.94 19.25 3.56
N LEU B 252 -13.07 18.55 3.36
CA LEU B 252 -13.37 18.00 2.05
C LEU B 252 -13.54 19.09 1.02
N ASP B 253 -14.24 20.14 1.39
CA ASP B 253 -14.44 21.24 0.46
C ASP B 253 -13.12 21.88 0.08
N LYS B 254 -12.24 22.10 1.06
CA LYS B 254 -10.95 22.72 0.74
C LYS B 254 -10.04 21.76 -0.03
N LEU B 255 -10.06 20.46 0.30
CA LEU B 255 -9.31 19.47 -0.45
C LEU B 255 -9.69 19.52 -1.93
N ASP B 256 -11.00 19.57 -2.21
CA ASP B 256 -11.45 19.63 -3.59
C ASP B 256 -10.87 20.85 -4.29
N GLU B 257 -10.79 21.99 -3.59
CA GLU B 257 -10.25 23.19 -4.22
C GLU B 257 -8.76 23.04 -4.46
N ILE B 258 -8.04 22.53 -3.44
CA ILE B 258 -6.61 22.37 -3.52
C ILE B 258 -6.24 21.54 -4.73
N LEU B 259 -6.89 20.37 -4.85
CA LEU B 259 -6.54 19.40 -5.86
C LEU B 259 -6.91 19.93 -7.22
N TYR B 260 -7.99 20.69 -7.28
CA TYR B 260 -8.43 21.27 -8.54
C TYR B 260 -7.33 22.12 -9.13
N TYR B 261 -6.75 22.99 -8.32
CA TYR B 261 -5.70 23.86 -8.86
C TYR B 261 -4.38 23.12 -9.14
N GLN B 262 -4.03 22.08 -8.37
CA GLN B 262 -2.87 21.26 -8.69
C GLN B 262 -3.05 20.59 -10.04
N ILE B 263 -4.23 19.99 -10.27
CA ILE B 263 -4.46 19.32 -11.54
C ILE B 263 -4.50 20.35 -12.68
N LYS B 264 -5.10 21.50 -12.43
CA LYS B 264 -5.13 22.51 -13.48
C LYS B 264 -3.72 22.95 -13.86
N THR B 265 -2.81 23.01 -12.90
CA THR B 265 -1.48 23.57 -13.16
C THR B 265 -0.51 22.53 -13.68
N LEU B 266 -0.74 21.25 -13.40
CA LEU B 266 0.18 20.21 -13.85
C LEU B 266 0.41 20.31 -15.36
N PRO B 267 1.66 20.27 -15.82
CA PRO B 267 1.91 20.17 -17.27
C PRO B 267 1.23 18.93 -17.87
N GLU B 268 0.54 19.15 -18.99
CA GLU B 268 -0.22 18.08 -19.61
C GLU B 268 0.67 16.88 -19.95
N GLN B 269 1.94 17.13 -20.26
CA GLN B 269 2.85 16.08 -20.70
C GLN B 269 3.54 15.38 -19.55
N TYR B 270 3.41 15.87 -18.31
CA TYR B 270 3.99 15.21 -17.15
C TYR B 270 2.97 14.34 -16.41
N SER B 271 1.73 14.34 -16.85
CA SER B 271 0.67 13.60 -16.16
C SER B 271 1.00 12.13 -16.04
N ASP B 272 1.70 11.57 -17.03
CA ASP B 272 1.93 10.13 -17.07
C ASP B 272 2.77 9.66 -15.88
N ILE B 273 3.65 10.50 -15.36
CA ILE B 273 4.53 10.10 -14.27
C ILE B 273 4.08 10.68 -12.92
N LEU B 274 3.59 11.92 -12.91
CA LEU B 274 3.25 12.58 -11.66
C LEU B 274 1.89 12.16 -11.09
N LEU B 275 1.09 11.39 -11.82
CA LEU B 275 -0.23 11.01 -11.35
C LEU B 275 -0.30 9.49 -11.24
N ASN B 276 -0.67 9.01 -10.06
CA ASN B 276 -0.72 7.58 -9.77
C ASN B 276 -2.13 7.09 -10.07
N GLU B 277 -2.25 6.30 -11.13
CA GLU B 277 -3.54 5.78 -11.57
C GLU B 277 -4.33 5.16 -10.42
N ARG B 278 -3.67 4.35 -9.58
CA ARG B 278 -4.42 3.62 -8.56
C ARG B 278 -4.99 4.55 -7.50
N VAL B 279 -4.20 5.52 -7.05
CA VAL B 279 -4.71 6.41 -6.03
C VAL B 279 -5.89 7.23 -6.58
N TRP B 280 -5.74 7.74 -7.80
CA TRP B 280 -6.77 8.65 -8.33
C TRP B 280 -8.05 7.91 -8.65
N ASN B 281 -7.95 6.75 -9.29
CA ASN B 281 -9.15 5.99 -9.58
C ASN B 281 -9.84 5.53 -8.30
N ILE B 282 -9.06 5.11 -7.30
CA ILE B 282 -9.65 4.77 -6.00
C ILE B 282 -10.34 5.99 -5.40
N CYS B 283 -9.65 7.13 -5.37
CA CYS B 283 -10.17 8.28 -4.64
C CYS B 283 -11.45 8.83 -5.29
N LEU B 284 -11.49 8.86 -6.63
CA LEU B 284 -12.62 9.46 -7.34
C LEU B 284 -13.80 8.51 -7.54
N TYR B 285 -13.59 7.20 -7.49
CA TYR B 285 -14.64 6.27 -7.89
C TYR B 285 -14.92 5.17 -6.90
N SER B 286 -14.04 4.91 -5.92
CA SER B 286 -14.25 3.83 -4.97
C SER B 286 -14.32 4.27 -3.52
N SER B 287 -13.63 5.34 -3.17
CA SER B 287 -13.43 5.68 -1.77
C SER B 287 -14.72 6.21 -1.16
N PHE B 288 -14.68 6.36 0.16
CA PHE B 288 -15.75 7.02 0.88
C PHE B 288 -16.06 8.38 0.29
N GLN B 289 -15.04 9.09 -0.18
CA GLN B 289 -15.21 10.47 -0.61
C GLN B 289 -15.32 10.60 -2.13
N LYS B 290 -15.66 9.49 -2.81
CA LYS B 290 -15.84 9.42 -4.24
C LYS B 290 -16.83 10.44 -4.78
N ASN B 291 -17.72 10.95 -3.94
CA ASN B 291 -18.78 11.86 -4.37
C ASN B 291 -18.58 13.25 -3.79
N SER B 292 -17.42 13.50 -3.19
CA SER B 292 -17.18 14.75 -2.46
C SER B 292 -16.15 15.64 -3.14
N LEU B 293 -15.64 15.25 -4.31
CA LEU B 293 -14.55 16.01 -4.93
C LEU B 293 -15.04 16.45 -6.31
N HIS B 294 -16.08 17.25 -6.34
CA HIS B 294 -16.79 17.49 -7.60
C HIS B 294 -15.93 18.26 -8.58
N ASN B 295 -15.23 19.29 -8.11
CA ASN B 295 -14.40 20.07 -9.02
C ASN B 295 -13.22 19.26 -9.50
N THR B 296 -12.55 18.57 -8.58
CA THR B 296 -11.41 17.77 -8.96
C THR B 296 -11.79 16.67 -9.94
N GLU B 297 -12.92 15.98 -9.68
CA GLU B 297 -13.35 14.92 -10.59
C GLU B 297 -13.71 15.49 -11.96
N LYS B 298 -14.31 16.67 -12.02
CA LYS B 298 -14.67 17.20 -13.32
C LYS B 298 -13.45 17.58 -14.13
N ILE B 299 -12.44 18.20 -13.52
CA ILE B 299 -11.25 18.57 -14.28
C ILE B 299 -10.41 17.34 -14.63
N MET B 300 -10.35 16.35 -13.73
CA MET B 300 -9.63 15.12 -14.04
C MET B 300 -10.21 14.43 -15.28
N GLU B 301 -11.54 14.25 -15.30
CA GLU B 301 -12.21 13.59 -16.41
C GLU B 301 -12.16 14.36 -17.72
N ASN B 302 -12.00 15.69 -17.70
CA ASN B 302 -11.95 16.45 -18.95
C ASN B 302 -10.53 16.66 -19.45
N LYS B 303 -9.53 16.54 -18.58
CA LYS B 303 -8.13 16.76 -18.93
C LYS B 303 -7.33 15.48 -19.04
N TYR B 304 -7.56 14.49 -18.18
CA TYR B 304 -6.82 13.24 -18.20
C TYR B 304 -7.77 12.05 -18.14
N PRO B 305 -8.70 11.94 -19.09
CA PRO B 305 -9.61 10.78 -19.09
C PRO B 305 -8.93 9.46 -19.41
N GLU B 306 -7.68 9.51 -19.88
CA GLU B 306 -6.94 8.29 -20.18
C GLU B 306 -6.52 7.61 -18.90
N LEU B 307 -5.94 8.37 -17.97
CA LEU B 307 -5.59 7.83 -16.66
C LEU B 307 -6.77 7.10 -16.03
N LEU B 308 -7.98 7.55 -16.32
CA LEU B 308 -9.17 6.94 -15.74
C LEU B 308 -9.87 6.11 -16.82
N1 VU9 C . -0.02 -35.71 17.99
C2 VU9 C . -1.77 -31.45 15.88
C4 VU9 C . -1.45 -33.75 18.09
C5 VU9 C . -1.39 -35.24 17.94
C6 VU9 C . 0.76 -35.12 16.92
C9 VU9 C . -0.21 -29.50 17.02
C VU9 C . -1.15 -29.15 16.08
C8 VU9 C . -0.02 -30.82 17.38
C3 VU9 C . -0.80 -31.80 16.80
C1 VU9 C . -1.93 -30.12 15.53
N VU9 C . -0.59 -33.10 17.09
C7 VU9 C . 0.78 -33.62 17.07
H7 VU9 C . 0.40 -35.50 18.90
H2 VU9 C . -2.43 -32.18 15.41
H3 VU9 C . -2.47 -33.38 18.02
H4 VU9 C . -1.10 -33.44 19.07
H5 VU9 C . -1.79 -35.53 16.97
H6 VU9 C . -2.06 -35.72 18.65
H8 VU9 C . 1.77 -35.51 16.99
H9 VU9 C . 0.41 -35.39 15.93
H13 VU9 C . 0.42 -28.72 17.48
H VU9 C . -1.28 -28.11 15.79
H12 VU9 C . 0.71 -31.04 18.15
H1 VU9 C . -2.70 -29.86 14.80
H10 VU9 C . 1.26 -33.31 18.00
H11 VU9 C . 1.37 -33.16 16.28
#